data_5V1V
#
_entry.id   5V1V
#
_cell.length_a   48.109
_cell.length_b   60.227
_cell.length_c   62.451
_cell.angle_alpha   90.00
_cell.angle_beta   90.00
_cell.angle_gamma   90.00
#
_symmetry.space_group_name_H-M   'P 21 21 21'
#
loop_
_entity.id
_entity.type
_entity.pdbx_description
1 polymer TbiB1
2 polymer 'TbiA(alpha) Leader Peptide'
3 non-polymer 'ZINC ION'
4 water water
#
loop_
_entity_poly.entity_id
_entity_poly.type
_entity_poly.pdbx_seq_one_letter_code
_entity_poly.pdbx_strand_id
1 'polypeptide(L)'
;SNAMKISDAVVSAHIDDEVVLLHLQTGTYFGLDAVGSRIWSLLEEGKRPEEIVDAICAEYSVDRPTVERDLRDFLRALAN
KELLEGYADEA
;
A,B
2 'polypeptide(L)' MKEYRSPELKEYGRVEDRTAG C,D
#
loop_
_chem_comp.id
_chem_comp.type
_chem_comp.name
_chem_comp.formula
ZN non-polymer 'ZINC ION' 'Zn 2'
#
# COMPACT_ATOMS: atom_id res chain seq x y z
N ASN A 2 -16.08 -2.38 8.63
CA ASN A 2 -15.83 -2.65 10.08
C ASN A 2 -15.23 -1.43 10.75
N ALA A 3 -15.57 -1.24 12.03
CA ALA A 3 -15.16 -0.06 12.80
C ALA A 3 -13.65 0.11 12.89
N MET A 4 -13.18 1.34 12.73
CA MET A 4 -11.74 1.63 12.76
C MET A 4 -11.43 2.98 13.39
N LYS A 5 -10.17 3.19 13.77
CA LYS A 5 -9.74 4.46 14.35
C LYS A 5 -8.24 4.66 14.25
N ILE A 6 -7.80 5.91 14.31
CA ILE A 6 -6.38 6.23 14.47
C ILE A 6 -5.84 5.56 15.74
N SER A 7 -4.62 5.03 15.67
CA SER A 7 -3.99 4.44 16.84
C SER A 7 -3.86 5.47 17.96
N ASP A 8 -4.12 5.00 19.19
CA ASP A 8 -3.96 5.86 20.37
C ASP A 8 -2.51 6.24 20.63
N ALA A 9 -1.58 5.58 19.95
CA ALA A 9 -0.15 5.86 20.10
C ALA A 9 0.38 6.95 19.17
N VAL A 10 -0.49 7.50 18.33
CA VAL A 10 -0.09 8.46 17.31
C VAL A 10 -0.36 9.90 17.73
N VAL A 11 0.68 10.73 17.60
CA VAL A 11 0.57 12.18 17.76
C VAL A 11 0.54 12.83 16.36
N SER A 12 -0.38 13.76 16.14
CA SER A 12 -0.51 14.46 14.86
C SER A 12 -0.15 15.93 15.03
N ALA A 13 0.72 16.42 14.14
CA ALA A 13 1.18 17.80 14.17
C ALA A 13 0.89 18.44 12.81
N HIS A 14 -0.13 19.28 12.74
CA HIS A 14 -0.48 19.94 11.49
C HIS A 14 0.40 21.15 11.24
N ILE A 15 0.85 21.27 10.00
CA ILE A 15 1.62 22.42 9.56
C ILE A 15 1.11 22.78 8.16
N ASP A 16 0.35 23.88 8.08
CA ASP A 16 -0.33 24.34 6.87
C ASP A 16 -0.19 23.44 5.63
N ASP A 17 -1.28 22.75 5.30
CA ASP A 17 -1.37 21.80 4.17
C ASP A 17 -1.03 20.36 4.60
N GLU A 18 -0.02 20.24 5.45
CA GLU A 18 0.57 18.96 5.77
C GLU A 18 0.29 18.51 7.20
N VAL A 19 0.57 17.24 7.47
CA VAL A 19 0.53 16.70 8.82
C VAL A 19 1.76 15.84 9.02
N VAL A 20 2.43 16.03 10.15
CA VAL A 20 3.49 15.13 10.57
C VAL A 20 2.89 14.18 11.60
N LEU A 21 3.09 12.88 11.42
CA LEU A 21 2.61 11.87 12.36
C LEU A 21 3.79 11.25 13.10
N LEU A 22 3.66 11.12 14.41
CA LEU A 22 4.67 10.46 15.23
CA LEU A 22 4.67 10.45 15.22
C LEU A 22 4.03 9.28 15.95
N HIS A 23 4.59 8.09 15.73
CA HIS A 23 4.11 6.94 16.44
C HIS A 23 4.96 6.76 17.69
N LEU A 24 4.35 6.98 18.85
CA LEU A 24 5.11 7.03 20.11
C LEU A 24 5.72 5.71 20.57
N GLN A 25 5.28 4.60 19.98
CA GLN A 25 5.79 3.31 20.42
C GLN A 25 6.78 2.67 19.44
N THR A 26 6.61 2.93 18.14
CA THR A 26 7.58 2.49 17.14
C THR A 26 8.70 3.52 16.97
N GLY A 27 8.42 4.76 17.39
CA GLY A 27 9.37 5.88 17.25
C GLY A 27 9.60 6.36 15.83
N THR A 28 8.65 6.07 14.95
CA THR A 28 8.74 6.40 13.54
C THR A 28 7.88 7.63 13.27
N TYR A 29 8.35 8.49 12.37
CA TYR A 29 7.54 9.62 11.91
C TYR A 29 7.29 9.62 10.42
N PHE A 30 6.21 10.30 10.06
CA PHE A 30 5.62 10.24 8.73
C PHE A 30 5.11 11.61 8.32
N GLY A 31 4.93 11.82 7.03
CA GLY A 31 4.32 13.03 6.51
C GLY A 31 3.15 12.71 5.59
N LEU A 32 2.13 13.56 5.68
CA LEU A 32 1.00 13.54 4.78
C LEU A 32 0.83 14.92 4.19
N ASP A 33 0.32 14.96 2.97
CA ASP A 33 0.04 16.23 2.31
CA ASP A 33 0.06 16.22 2.28
C ASP A 33 -1.28 16.13 1.55
N ALA A 34 -1.83 17.29 1.17
CA ALA A 34 -2.99 17.38 0.30
C ALA A 34 -4.12 16.40 0.67
N VAL A 35 -4.44 15.47 -0.21
CA VAL A 35 -5.55 14.55 0.00
C VAL A 35 -5.28 13.60 1.19
N GLY A 36 -4.05 13.14 1.33
CA GLY A 36 -3.69 12.29 2.48
C GLY A 36 -3.95 12.98 3.81
N SER A 37 -3.56 14.26 3.88
CA SER A 37 -3.81 15.07 5.07
CA SER A 37 -3.79 15.07 5.06
C SER A 37 -5.29 15.25 5.32
N ARG A 38 -6.06 15.46 4.25
CA ARG A 38 -7.50 15.62 4.39
C ARG A 38 -8.15 14.33 4.90
N ILE A 39 -7.76 13.19 4.33
CA ILE A 39 -8.24 11.89 4.81
C ILE A 39 -7.89 11.71 6.29
N TRP A 40 -6.66 12.05 6.69
CA TRP A 40 -6.28 11.92 8.08
C TRP A 40 -7.18 12.76 8.98
N SER A 41 -7.44 14.00 8.57
CA SER A 41 -8.31 14.88 9.34
C SER A 41 -9.71 14.30 9.52
N LEU A 42 -10.23 13.67 8.48
CA LEU A 42 -11.53 13.01 8.55
C LEU A 42 -11.50 11.78 9.47
N LEU A 43 -10.41 11.01 9.41
CA LEU A 43 -10.23 9.90 10.36
C LEU A 43 -10.19 10.41 11.80
N GLU A 44 -9.51 11.53 12.02
CA GLU A 44 -9.47 12.14 13.35
C GLU A 44 -10.85 12.45 13.90
N GLU A 45 -11.78 12.78 13.00
CA GLU A 45 -13.18 13.08 13.35
C GLU A 45 -14.03 11.82 13.50
N GLY A 46 -13.45 10.65 13.26
CA GLY A 46 -14.18 9.40 13.35
C GLY A 46 -15.08 9.12 12.15
N LYS A 47 -14.77 9.74 11.02
CA LYS A 47 -15.54 9.51 9.80
C LYS A 47 -15.28 8.10 9.27
N ARG A 48 -16.33 7.41 8.85
CA ARG A 48 -16.23 6.05 8.30
C ARG A 48 -15.75 6.09 6.85
N PRO A 49 -15.20 4.98 6.32
CA PRO A 49 -14.78 4.98 4.93
C PRO A 49 -15.79 5.55 3.93
N GLU A 50 -17.07 5.18 4.03
CA GLU A 50 -18.11 5.75 3.13
CA GLU A 50 -18.06 5.73 3.10
C GLU A 50 -18.14 7.26 3.20
N GLU A 51 -18.09 7.79 4.42
CA GLU A 51 -18.12 9.24 4.66
C GLU A 51 -16.88 9.91 4.07
N ILE A 52 -15.74 9.25 4.18
CA ILE A 52 -14.50 9.79 3.65
C ILE A 52 -14.57 9.82 2.12
N VAL A 53 -15.01 8.73 1.51
CA VAL A 53 -15.21 8.71 0.06
C VAL A 53 -16.10 9.88 -0.37
N ASP A 54 -17.23 10.04 0.32
CA ASP A 54 -18.18 11.07 -0.06
C ASP A 54 -17.58 12.46 0.10
N ALA A 55 -16.80 12.67 1.16
CA ALA A 55 -16.16 13.97 1.39
C ALA A 55 -15.14 14.30 0.30
N ILE A 56 -14.29 13.33 -0.04
CA ILE A 56 -13.29 13.54 -1.08
C ILE A 56 -13.97 13.78 -2.44
N CYS A 57 -15.04 13.05 -2.73
CA CYS A 57 -15.81 13.27 -3.96
C CYS A 57 -16.46 14.64 -4.04
N ALA A 58 -16.83 15.19 -2.89
CA ALA A 58 -17.45 16.50 -2.83
C ALA A 58 -16.42 17.63 -2.96
N GLU A 59 -15.20 17.37 -2.48
CA GLU A 59 -14.18 18.42 -2.32
C GLU A 59 -13.14 18.46 -3.44
N TYR A 60 -13.09 17.40 -4.25
CA TYR A 60 -12.05 17.25 -5.26
C TYR A 60 -12.62 16.88 -6.62
N SER A 61 -11.93 17.31 -7.68
CA SER A 61 -12.30 17.00 -9.05
C SER A 61 -11.82 15.59 -9.37
N VAL A 62 -12.61 14.61 -8.92
CA VAL A 62 -12.22 13.20 -9.00
C VAL A 62 -13.47 12.33 -9.03
N ASP A 63 -13.38 11.19 -9.71
CA ASP A 63 -14.46 10.23 -9.79
C ASP A 63 -14.43 9.29 -8.58
N ARG A 64 -15.61 8.80 -8.18
CA ARG A 64 -15.75 7.89 -7.04
C ARG A 64 -14.87 6.62 -7.12
N PRO A 65 -14.81 5.95 -8.29
CA PRO A 65 -13.96 4.75 -8.36
C PRO A 65 -12.50 5.01 -8.02
N THR A 66 -11.96 6.13 -8.46
CA THR A 66 -10.57 6.49 -8.18
C THR A 66 -10.41 6.72 -6.68
N VAL A 67 -11.35 7.44 -6.08
CA VAL A 67 -11.28 7.69 -4.65
C VAL A 67 -11.32 6.39 -3.85
N GLU A 68 -12.22 5.47 -4.23
CA GLU A 68 -12.35 4.19 -3.54
C GLU A 68 -11.06 3.37 -3.62
N ARG A 69 -10.51 3.25 -4.81
CA ARG A 69 -9.27 2.49 -5.03
C ARG A 69 -8.12 3.10 -4.25
N ASP A 70 -7.98 4.43 -4.33
CA ASP A 70 -6.88 5.10 -3.66
C ASP A 70 -7.02 5.06 -2.15
N LEU A 71 -8.25 5.22 -1.66
CA LEU A 71 -8.49 5.20 -0.23
C LEU A 71 -8.17 3.84 0.35
N ARG A 72 -8.57 2.78 -0.32
CA ARG A 72 -8.24 1.43 0.17
C ARG A 72 -6.74 1.25 0.36
N ASP A 73 -5.96 1.63 -0.64
CA ASP A 73 -4.50 1.49 -0.55
C ASP A 73 -3.91 2.39 0.53
N PHE A 74 -4.42 3.59 0.68
CA PHE A 74 -3.93 4.52 1.68
C PHE A 74 -4.22 4.01 3.09
N LEU A 75 -5.45 3.58 3.32
CA LEU A 75 -5.81 3.03 4.63
C LEU A 75 -4.97 1.78 4.94
N ARG A 76 -4.74 0.93 3.95
CA ARG A 76 -3.88 -0.23 4.14
C ARG A 76 -2.46 0.18 4.51
N ALA A 77 -1.96 1.26 3.91
CA ALA A 77 -0.61 1.73 4.23
C ALA A 77 -0.56 2.23 5.67
N LEU A 78 -1.59 2.96 6.08
CA LEU A 78 -1.66 3.42 7.46
C LEU A 78 -1.72 2.23 8.43
N ALA A 79 -2.53 1.23 8.10
CA ALA A 79 -2.68 0.06 8.96
C ALA A 79 -1.36 -0.72 9.08
N ASN A 80 -0.64 -0.81 7.96
CA ASN A 80 0.62 -1.54 7.93
C ASN A 80 1.68 -0.91 8.84
N LYS A 81 1.59 0.40 9.03
CA LYS A 81 2.55 1.13 9.87
C LYS A 81 2.00 1.37 11.28
N GLU A 82 0.91 0.67 11.62
CA GLU A 82 0.29 0.73 12.95
C GLU A 82 -0.22 2.13 13.30
N LEU A 83 -0.59 2.87 12.27
CA LEU A 83 -1.14 4.21 12.43
C LEU A 83 -2.66 4.20 12.54
N LEU A 84 -3.27 3.14 12.03
CA LEU A 84 -4.72 2.97 11.95
C LEU A 84 -5.05 1.58 12.44
N GLU A 85 -6.06 1.51 13.31
CA GLU A 85 -6.51 0.24 13.88
C GLU A 85 -7.91 -0.13 13.42
N GLY A 86 -8.14 -1.44 13.32
CA GLY A 86 -9.45 -1.97 12.94
C GLY A 86 -9.68 -2.13 11.46
N TYR A 87 -8.67 -1.84 10.63
CA TYR A 87 -8.88 -1.90 9.20
C TYR A 87 -9.17 -3.31 8.66
N ALA A 88 -10.16 -3.40 7.77
CA ALA A 88 -10.44 -4.62 7.00
C ALA A 88 -10.91 -4.22 5.62
N ASP A 89 -10.67 -5.09 4.63
CA ASP A 89 -11.07 -4.83 3.25
C ASP A 89 -12.56 -4.99 3.00
N MET B 4 9.72 0.31 -14.72
CA MET B 4 8.72 -0.78 -14.57
C MET B 4 7.41 -0.28 -13.98
N LYS B 5 6.34 -1.04 -14.21
CA LYS B 5 5.01 -0.71 -13.71
C LYS B 5 4.12 -1.94 -13.69
N ILE B 6 3.15 -1.95 -12.78
CA ILE B 6 2.11 -2.97 -12.79
C ILE B 6 1.36 -2.85 -14.12
N SER B 7 1.16 -3.98 -14.78
CA SER B 7 0.51 -4.03 -16.08
C SER B 7 -0.92 -3.53 -16.08
N ASP B 8 -1.29 -2.81 -17.14
CA ASP B 8 -2.66 -2.36 -17.37
C ASP B 8 -3.59 -3.55 -17.63
N ALA B 9 -3.00 -4.71 -17.90
CA ALA B 9 -3.75 -5.93 -18.17
C ALA B 9 -4.17 -6.67 -16.90
N VAL B 10 -3.76 -6.17 -15.75
CA VAL B 10 -4.00 -6.88 -14.49
C VAL B 10 -5.09 -6.18 -13.70
N VAL B 11 -5.99 -6.98 -13.15
CA VAL B 11 -6.95 -6.51 -12.16
C VAL B 11 -6.55 -7.15 -10.85
N SER B 12 -6.46 -6.35 -9.79
CA SER B 12 -6.06 -6.90 -8.50
C SER B 12 -7.09 -6.64 -7.42
N ALA B 13 -7.13 -7.55 -6.45
CA ALA B 13 -8.14 -7.54 -5.40
C ALA B 13 -7.51 -7.87 -4.06
N HIS B 14 -7.55 -6.90 -3.14
CA HIS B 14 -7.01 -7.11 -1.81
C HIS B 14 -8.00 -7.82 -0.91
N ILE B 15 -7.53 -8.84 -0.20
CA ILE B 15 -8.31 -9.43 0.87
C ILE B 15 -7.38 -9.66 2.06
N ASP B 16 -7.46 -8.79 3.05
CA ASP B 16 -6.56 -8.84 4.22
C ASP B 16 -5.10 -8.71 3.75
N ASP B 17 -4.23 -9.61 4.19
CA ASP B 17 -2.82 -9.51 3.82
C ASP B 17 -2.51 -10.28 2.54
N GLU B 18 -3.55 -10.67 1.81
CA GLU B 18 -3.37 -11.33 0.53
C GLU B 18 -3.89 -10.47 -0.64
N VAL B 19 -3.36 -10.74 -1.82
CA VAL B 19 -3.79 -10.08 -3.04
C VAL B 19 -4.10 -11.17 -4.04
N VAL B 20 -5.23 -11.04 -4.73
CA VAL B 20 -5.56 -11.88 -5.86
C VAL B 20 -5.30 -11.05 -7.13
N LEU B 21 -4.53 -11.62 -8.06
CA LEU B 21 -4.23 -10.96 -9.32
C LEU B 21 -4.89 -11.73 -10.42
N LEU B 22 -5.68 -11.04 -11.25
CA LEU B 22 -6.32 -11.66 -12.39
C LEU B 22 -5.74 -11.08 -13.68
N HIS B 23 -5.27 -11.97 -14.55
CA HIS B 23 -4.79 -11.59 -15.85
C HIS B 23 -5.82 -12.03 -16.87
N LEU B 24 -6.70 -11.10 -17.19
CA LEU B 24 -7.87 -11.32 -18.04
C LEU B 24 -7.54 -11.77 -19.45
N GLN B 25 -6.41 -11.29 -19.99
CA GLN B 25 -5.94 -11.65 -21.34
C GLN B 25 -5.64 -13.15 -21.48
N THR B 26 -5.11 -13.75 -20.44
CA THR B 26 -4.72 -15.17 -20.47
C THR B 26 -5.68 -16.05 -19.69
N GLY B 27 -6.64 -15.41 -19.02
CA GLY B 27 -7.64 -16.08 -18.19
C GLY B 27 -7.05 -16.80 -17.01
N THR B 28 -5.95 -16.26 -16.48
CA THR B 28 -5.28 -16.89 -15.35
CA THR B 28 -5.21 -16.87 -15.37
C THR B 28 -5.24 -15.98 -14.13
N TYR B 29 -5.09 -16.59 -12.96
CA TYR B 29 -5.07 -15.83 -11.72
C TYR B 29 -4.03 -16.35 -10.74
N PHE B 30 -3.68 -15.47 -9.80
CA PHE B 30 -2.52 -15.65 -8.94
C PHE B 30 -2.79 -15.10 -7.56
N GLY B 31 -1.97 -15.51 -6.61
CA GLY B 31 -2.07 -15.02 -5.25
C GLY B 31 -0.75 -14.53 -4.71
N LEU B 32 -0.83 -13.50 -3.88
CA LEU B 32 0.30 -12.99 -3.13
C LEU B 32 -0.03 -12.95 -1.66
N ASP B 33 0.97 -13.22 -0.84
CA ASP B 33 0.80 -13.24 0.61
C ASP B 33 2.07 -12.66 1.22
N ALA B 34 2.01 -12.26 2.49
CA ALA B 34 3.23 -11.96 3.25
C ALA B 34 4.17 -10.99 2.51
N VAL B 35 5.43 -11.37 2.28
CA VAL B 35 6.38 -10.44 1.66
C VAL B 35 5.98 -10.08 0.24
N GLY B 36 5.43 -11.05 -0.50
CA GLY B 36 4.96 -10.79 -1.86
C GLY B 36 3.88 -9.73 -1.91
N SER B 37 2.95 -9.79 -0.96
CA SER B 37 1.89 -8.77 -0.85
CA SER B 37 1.89 -8.78 -0.88
C SER B 37 2.46 -7.40 -0.52
N ARG B 38 3.44 -7.37 0.38
CA ARG B 38 4.08 -6.12 0.73
C ARG B 38 4.78 -5.50 -0.50
N ILE B 39 5.50 -6.33 -1.25
CA ILE B 39 6.12 -5.87 -2.48
C ILE B 39 5.08 -5.31 -3.45
N TRP B 40 3.93 -5.98 -3.57
CA TRP B 40 2.85 -5.49 -4.42
C TRP B 40 2.44 -4.08 -4.01
N SER B 41 2.25 -3.86 -2.70
CA SER B 41 1.89 -2.55 -2.19
C SER B 41 2.95 -1.50 -2.53
N LEU B 42 4.23 -1.89 -2.46
CA LEU B 42 5.31 -0.99 -2.79
C LEU B 42 5.34 -0.68 -4.29
N LEU B 43 5.09 -1.69 -5.12
CA LEU B 43 4.94 -1.49 -6.57
C LEU B 43 3.80 -0.52 -6.92
N GLU B 44 2.68 -0.65 -6.20
CA GLU B 44 1.53 0.26 -6.36
C GLU B 44 1.92 1.71 -6.08
N GLU B 45 2.83 1.90 -5.13
CA GLU B 45 3.30 3.23 -4.75
C GLU B 45 4.36 3.76 -5.72
N GLY B 46 4.70 2.98 -6.74
CA GLY B 46 5.67 3.38 -7.76
C GLY B 46 7.11 3.34 -7.28
N LYS B 47 7.38 2.53 -6.26
CA LYS B 47 8.73 2.43 -5.73
C LYS B 47 9.62 1.68 -6.72
N ARG B 48 10.86 2.14 -6.86
CA ARG B 48 11.85 1.47 -7.69
C ARG B 48 12.43 0.27 -6.93
N PRO B 49 13.02 -0.72 -7.64
CA PRO B 49 13.51 -1.92 -6.97
C PRO B 49 14.38 -1.66 -5.74
N GLU B 50 15.34 -0.73 -5.81
CA GLU B 50 16.21 -0.51 -4.66
C GLU B 50 15.46 0.06 -3.45
N GLU B 51 14.40 0.82 -3.71
CA GLU B 51 13.54 1.34 -2.64
C GLU B 51 12.69 0.22 -2.04
N ILE B 52 12.23 -0.70 -2.87
CA ILE B 52 11.52 -1.88 -2.39
C ILE B 52 12.43 -2.72 -1.48
N VAL B 53 13.67 -2.93 -1.93
CA VAL B 53 14.62 -3.68 -1.14
C VAL B 53 14.83 -3.01 0.22
N ASP B 54 15.06 -1.70 0.22
CA ASP B 54 15.29 -0.98 1.47
C ASP B 54 14.11 -1.15 2.42
N ALA B 55 12.89 -1.07 1.89
CA ALA B 55 11.69 -1.16 2.69
C ALA B 55 11.54 -2.55 3.30
N ILE B 56 11.71 -3.59 2.48
CA ILE B 56 11.64 -4.96 2.98
C ILE B 56 12.74 -5.24 4.00
N CYS B 57 13.97 -4.81 3.69
CA CYS B 57 15.09 -5.01 4.60
C CYS B 57 14.86 -4.34 5.96
N ALA B 58 14.25 -3.15 5.97
CA ALA B 58 13.97 -2.44 7.22
C ALA B 58 12.85 -3.09 8.05
N GLU B 59 11.94 -3.78 7.37
CA GLU B 59 10.71 -4.29 7.97
C GLU B 59 10.81 -5.74 8.46
N TYR B 60 11.76 -6.48 7.90
CA TYR B 60 11.89 -7.91 8.15
C TYR B 60 13.28 -8.21 8.65
N SER B 61 13.42 -9.30 9.40
CA SER B 61 14.75 -9.70 9.85
C SER B 61 15.40 -10.57 8.78
N VAL B 62 16.25 -9.95 7.98
CA VAL B 62 16.84 -10.58 6.80
C VAL B 62 17.99 -9.70 6.33
N ASP B 63 19.00 -10.28 5.69
CA ASP B 63 20.07 -9.44 5.16
C ASP B 63 19.71 -8.90 3.78
N ARG B 64 20.23 -7.71 3.49
CA ARG B 64 19.88 -7.03 2.26
C ARG B 64 20.16 -7.83 0.97
N PRO B 65 21.35 -8.45 0.86
CA PRO B 65 21.58 -9.22 -0.38
C PRO B 65 20.55 -10.33 -0.64
N THR B 66 20.05 -10.95 0.43
CA THR B 66 18.99 -11.96 0.33
C THR B 66 17.70 -11.34 -0.25
N VAL B 67 17.34 -10.18 0.29
CA VAL B 67 16.15 -9.48 -0.17
C VAL B 67 16.31 -9.12 -1.65
N GLU B 68 17.49 -8.61 -2.01
CA GLU B 68 17.78 -8.22 -3.40
C GLU B 68 17.60 -9.40 -4.36
N ARG B 69 18.22 -10.54 -4.04
CA ARG B 69 18.13 -11.73 -4.88
C ARG B 69 16.70 -12.23 -4.99
N ASP B 70 16.02 -12.31 -3.84
CA ASP B 70 14.64 -12.77 -3.81
C ASP B 70 13.71 -11.82 -4.56
N LEU B 71 13.95 -10.51 -4.43
CA LEU B 71 13.15 -9.55 -5.19
C LEU B 71 13.31 -9.71 -6.69
N ARG B 72 14.57 -9.87 -7.14
CA ARG B 72 14.82 -10.06 -8.57
C ARG B 72 14.10 -11.31 -9.08
N ASP B 73 14.14 -12.39 -8.31
CA ASP B 73 13.44 -13.62 -8.68
C ASP B 73 11.92 -13.39 -8.76
N PHE B 74 11.40 -12.61 -7.82
CA PHE B 74 9.95 -12.38 -7.74
C PHE B 74 9.48 -11.47 -8.88
N LEU B 75 10.23 -10.40 -9.14
CA LEU B 75 9.89 -9.51 -10.24
C LEU B 75 9.99 -10.21 -11.60
N ARG B 76 10.99 -11.09 -11.75
CA ARG B 76 11.10 -11.92 -12.94
C ARG B 76 9.87 -12.81 -13.10
N ALA B 77 9.40 -13.39 -12.00
CA ALA B 77 8.19 -14.23 -12.02
C ALA B 77 6.97 -13.43 -12.46
N LEU B 78 6.78 -12.25 -11.87
CA LEU B 78 5.70 -11.36 -12.30
C LEU B 78 5.78 -10.99 -13.78
N ALA B 79 6.99 -10.67 -14.25
CA ALA B 79 7.21 -10.30 -15.64
C ALA B 79 6.90 -11.45 -16.59
N ASN B 80 7.34 -12.65 -16.20
CA ASN B 80 7.13 -13.83 -17.03
CA ASN B 80 7.13 -13.86 -17.00
C ASN B 80 5.65 -14.15 -17.22
N LYS B 81 4.85 -13.85 -16.20
CA LYS B 81 3.42 -14.07 -16.25
C LYS B 81 2.65 -12.84 -16.77
N GLU B 82 3.41 -11.86 -17.29
CA GLU B 82 2.87 -10.65 -17.90
CA GLU B 82 2.86 -10.65 -17.90
C GLU B 82 2.08 -9.77 -16.92
N LEU B 83 2.42 -9.87 -15.64
CA LEU B 83 1.78 -9.07 -14.59
C LEU B 83 2.49 -7.73 -14.38
N LEU B 84 3.73 -7.65 -14.82
CA LEU B 84 4.56 -6.47 -14.67
C LEU B 84 5.10 -6.06 -16.03
N GLU B 85 5.05 -4.76 -16.33
CA GLU B 85 5.57 -4.21 -17.58
C GLU B 85 6.91 -3.56 -17.37
N GLY B 86 7.77 -3.65 -18.38
CA GLY B 86 9.04 -2.93 -18.44
C GLY B 86 10.05 -3.23 -17.34
N TYR B 87 10.14 -4.50 -16.95
CA TYR B 87 11.17 -4.91 -15.99
C TYR B 87 12.47 -5.33 -16.68
N ALA B 88 13.58 -4.82 -16.17
CA ALA B 88 14.90 -5.13 -16.71
C ALA B 88 15.54 -6.34 -16.03
N MET C 1 -13.78 23.60 -4.87
CA MET C 1 -13.29 22.28 -5.29
C MET C 1 -11.81 22.38 -5.67
N LYS C 2 -11.05 21.33 -5.35
CA LYS C 2 -9.60 21.28 -5.54
C LYS C 2 -9.17 20.20 -6.54
N GLU C 3 -8.00 20.37 -7.14
CA GLU C 3 -7.40 19.32 -7.96
C GLU C 3 -7.03 18.12 -7.09
N TYR C 4 -7.28 16.93 -7.60
CA TYR C 4 -7.00 15.68 -6.89
C TYR C 4 -5.62 15.13 -7.24
N ARG C 5 -4.93 14.64 -6.21
CA ARG C 5 -3.79 13.74 -6.41
C ARG C 5 -3.88 12.62 -5.38
N SER C 6 -3.47 11.42 -5.79
CA SER C 6 -3.58 10.24 -4.96
C SER C 6 -2.89 10.44 -3.62
N PRO C 7 -3.56 10.07 -2.52
CA PRO C 7 -2.96 10.23 -1.20
C PRO C 7 -1.77 9.30 -1.01
N GLU C 8 -0.69 9.81 -0.42
CA GLU C 8 0.49 9.01 -0.19
C GLU C 8 1.00 9.21 1.23
N LEU C 9 1.44 8.11 1.84
CA LEU C 9 2.07 8.13 3.15
C LEU C 9 3.58 8.20 2.95
N LYS C 10 4.19 9.29 3.42
CA LYS C 10 5.65 9.43 3.38
C LYS C 10 6.28 8.98 4.71
N GLU C 11 7.22 8.04 4.66
CA GLU C 11 7.92 7.61 5.85
C GLU C 11 9.26 8.32 5.95
N TYR C 12 9.53 8.90 7.11
CA TYR C 12 10.80 9.57 7.37
C TYR C 12 11.78 8.74 8.19
N GLY C 13 11.27 7.73 8.88
CA GLY C 13 12.12 6.85 9.69
C GLY C 13 12.10 7.22 11.16
N ARG C 14 13.21 6.98 11.84
CA ARG C 14 13.30 7.14 13.28
C ARG C 14 13.30 8.61 13.70
N VAL C 15 12.43 8.94 14.64
CA VAL C 15 12.37 10.28 15.21
C VAL C 15 13.51 10.48 16.21
N GLU C 16 13.80 11.72 16.58
CA GLU C 16 14.87 11.98 17.55
C GLU C 16 14.34 12.10 18.96
N ASP C 17 14.46 11.02 19.72
CA ASP C 17 14.08 11.01 21.13
C ASP C 17 15.20 10.38 21.95
N MET D 1 10.12 -5.73 13.93
CA MET D 1 10.70 -6.54 12.87
C MET D 1 9.92 -7.84 12.71
N LYS D 2 9.55 -8.15 11.47
CA LYS D 2 8.79 -9.36 11.15
C LYS D 2 9.69 -10.51 10.66
N GLU D 3 9.17 -11.74 10.73
CA GLU D 3 9.86 -12.91 10.20
CA GLU D 3 9.89 -12.88 10.20
C GLU D 3 9.77 -12.92 8.68
N TYR D 4 10.90 -13.14 8.03
CA TYR D 4 11.01 -13.16 6.59
C TYR D 4 10.83 -14.54 5.98
N ARG D 5 10.06 -14.58 4.90
CA ARG D 5 10.06 -15.72 3.99
C ARG D 5 10.07 -15.16 2.58
N SER D 6 10.80 -15.83 1.69
CA SER D 6 10.98 -15.35 0.32
C SER D 6 9.63 -15.13 -0.36
N PRO D 7 9.48 -13.99 -1.07
CA PRO D 7 8.22 -13.74 -1.76
C PRO D 7 8.01 -14.73 -2.90
N GLU D 8 6.79 -15.23 -3.00
CA GLU D 8 6.43 -16.22 -4.00
C GLU D 8 5.14 -15.84 -4.71
N LEU D 9 5.11 -16.04 -6.02
CA LEU D 9 3.91 -15.86 -6.80
C LEU D 9 3.15 -17.18 -6.83
N LYS D 10 1.96 -17.21 -6.24
CA LYS D 10 1.15 -18.43 -6.20
C LYS D 10 0.31 -18.49 -7.46
N GLU D 11 0.42 -19.60 -8.20
CA GLU D 11 -0.36 -19.80 -9.42
CA GLU D 11 -0.36 -19.81 -9.41
C GLU D 11 -1.61 -20.60 -9.10
N TYR D 12 -2.77 -20.05 -9.44
CA TYR D 12 -4.04 -20.73 -9.20
C TYR D 12 -4.63 -21.33 -10.47
N GLY D 13 -4.03 -21.00 -11.61
CA GLY D 13 -4.49 -21.52 -12.89
C GLY D 13 -5.60 -20.70 -13.52
N ARG D 14 -6.55 -21.38 -14.15
CA ARG D 14 -7.53 -20.74 -15.01
C ARG D 14 -8.73 -20.23 -14.23
N VAL D 15 -9.10 -18.98 -14.51
CA VAL D 15 -10.27 -18.38 -13.88
C VAL D 15 -11.54 -18.95 -14.54
N GLU D 16 -12.67 -18.82 -13.85
CA GLU D 16 -13.96 -19.23 -14.44
C GLU D 16 -14.65 -18.01 -15.03
N ASP D 17 -14.74 -17.98 -16.37
CA ASP D 17 -15.33 -16.84 -17.09
C ASP D 17 -16.84 -17.04 -17.30
ZN ZN E . -5.86 17.02 12.80
ZN ZN F . -22.32 7.84 0.47
ZN ZN G . -2.59 -2.39 14.33
ZN ZN H . -3.88 -1.98 -3.91
ZN ZN I . -0.88 -13.95 4.85
#